data_9KVR
#
_entry.id   9KVR
#
_entity_poly.entity_id   1
_entity_poly.type   'polypeptide(L)'
_entity_poly.pdbx_seq_one_letter_code
;SYYRPREEEAIPHPLALTHKMGWLQLLGRMF
;
_entity_poly.pdbx_strand_id   A
#
# COMPACT_ATOMS: atom_id res chain seq x y z
N SER A 1 8.20 11.09 -5.94
CA SER A 1 7.10 10.11 -6.18
C SER A 1 7.51 9.07 -7.25
N TYR A 2 6.76 7.97 -7.34
CA TYR A 2 7.01 6.84 -8.26
C TYR A 2 5.71 6.22 -8.78
N TYR A 3 5.77 5.61 -9.98
CA TYR A 3 4.68 4.78 -10.50
C TYR A 3 4.64 3.44 -9.75
N ARG A 4 3.49 3.17 -9.11
CA ARG A 4 3.11 1.90 -8.51
C ARG A 4 1.60 1.73 -8.77
N PRO A 5 1.16 0.75 -9.58
CA PRO A 5 -0.25 0.68 -10.01
C PRO A 5 -1.22 0.37 -8.85
N ARG A 6 -0.81 -0.53 -7.97
CA ARG A 6 -1.52 -0.98 -6.74
C ARG A 6 -1.67 0.08 -5.64
N GLU A 7 -1.11 1.28 -5.82
CA GLU A 7 -0.91 2.35 -4.82
C GLU A 7 -2.18 3.10 -4.35
N GLU A 8 -3.17 2.31 -3.92
CA GLU A 8 -4.37 2.77 -3.20
C GLU A 8 -4.05 3.18 -1.77
N GLU A 9 -4.96 3.95 -1.18
CA GLU A 9 -4.77 4.68 0.09
C GLU A 9 -5.67 4.24 1.26
N ALA A 10 -6.70 3.40 1.01
CA ALA A 10 -7.73 3.09 1.99
C ALA A 10 -7.24 2.17 3.12
N ILE A 11 -7.04 2.73 4.33
CA ILE A 11 -6.58 2.01 5.53
C ILE A 11 -7.37 0.72 5.88
N PRO A 12 -8.72 0.71 5.91
CA PRO A 12 -9.52 -0.50 6.11
C PRO A 12 -9.36 -1.59 5.04
N HIS A 13 -8.83 -1.26 3.88
CA HIS A 13 -8.86 -2.12 2.69
C HIS A 13 -7.77 -3.21 2.61
N PRO A 14 -8.10 -4.45 2.19
CA PRO A 14 -7.12 -5.52 1.95
C PRO A 14 -6.34 -5.33 0.62
N LEU A 15 -5.88 -4.11 0.31
CA LEU A 15 -5.22 -3.77 -0.97
C LEU A 15 -3.87 -4.48 -1.15
N ALA A 16 -3.15 -4.70 -0.04
CA ALA A 16 -1.96 -5.56 0.07
C ALA A 16 -1.63 -5.98 1.52
N LEU A 17 -2.08 -5.21 2.51
CA LEU A 17 -1.73 -5.31 3.94
C LEU A 17 -1.93 -6.72 4.53
N THR A 18 -2.93 -7.46 4.03
CA THR A 18 -3.30 -8.78 4.55
C THR A 18 -2.59 -9.96 3.87
N HIS A 19 -2.17 -9.78 2.61
CA HIS A 19 -1.58 -10.84 1.78
C HIS A 19 -0.07 -10.97 1.98
N LYS A 20 0.65 -9.84 1.94
CA LYS A 20 2.12 -9.75 2.08
C LYS A 20 2.68 -8.38 2.47
N MET A 21 1.91 -7.28 2.29
CA MET A 21 2.30 -5.90 2.65
C MET A 21 3.65 -5.47 2.03
N GLY A 22 3.84 -5.74 0.74
CA GLY A 22 5.14 -5.59 0.06
C GLY A 22 5.63 -4.15 -0.12
N TRP A 23 4.71 -3.19 -0.26
CA TRP A 23 5.05 -1.81 -0.64
C TRP A 23 4.57 -0.75 0.36
N LEU A 24 3.66 -1.05 1.28
CA LEU A 24 3.28 -0.12 2.36
C LEU A 24 4.46 0.14 3.30
N GLN A 25 5.26 -0.91 3.53
CA GLN A 25 6.47 -0.83 4.37
C GLN A 25 7.50 0.21 3.87
N LEU A 26 7.75 0.30 2.54
CA LEU A 26 8.63 1.33 1.97
C LEU A 26 7.92 2.68 1.71
N LEU A 27 6.61 2.66 1.47
CA LEU A 27 5.78 3.85 1.20
C LEU A 27 5.56 4.70 2.45
N GLY A 28 4.89 4.13 3.47
CA GLY A 28 4.61 4.73 4.79
C GLY A 28 3.72 6.00 4.84
N ARG A 29 3.51 6.70 3.72
CA ARG A 29 2.87 8.04 3.69
C ARG A 29 1.35 8.08 3.88
N MET A 30 0.65 7.04 3.41
CA MET A 30 -0.84 7.01 3.37
C MET A 30 -1.51 6.21 4.51
N PHE A 31 -0.73 5.49 5.33
CA PHE A 31 -1.20 4.49 6.31
C PHE A 31 -0.57 4.69 7.70
N SER A 1 7.46 10.33 -7.07
CA SER A 1 8.34 9.19 -6.68
C SER A 1 8.32 8.07 -7.74
N TYR A 2 7.27 7.25 -7.80
CA TYR A 2 7.12 6.11 -8.72
C TYR A 2 5.66 5.86 -9.14
N TYR A 3 5.47 5.15 -10.26
CA TYR A 3 4.18 4.58 -10.64
C TYR A 3 4.06 3.19 -10.00
N ARG A 4 2.90 2.89 -9.41
CA ARG A 4 2.54 1.63 -8.81
C ARG A 4 1.04 1.40 -9.07
N PRO A 5 0.62 0.30 -9.74
CA PRO A 5 -0.79 0.11 -10.11
C PRO A 5 -1.73 -0.09 -8.92
N ARG A 6 -1.28 -0.88 -7.93
CA ARG A 6 -1.95 -1.20 -6.65
C ARG A 6 -2.09 -0.02 -5.67
N GLU A 7 -1.56 1.16 -5.99
CA GLU A 7 -1.34 2.34 -5.12
C GLU A 7 -2.59 3.11 -4.65
N GLU A 8 -3.64 2.40 -4.26
CA GLU A 8 -4.83 2.91 -3.57
C GLU A 8 -4.55 3.19 -2.06
N GLU A 9 -5.52 3.79 -1.37
CA GLU A 9 -5.34 4.37 -0.02
C GLU A 9 -6.14 3.68 1.11
N ALA A 10 -5.77 4.04 2.35
CA ALA A 10 -6.41 3.73 3.64
C ALA A 10 -6.35 2.27 4.14
N ILE A 11 -6.06 2.11 5.43
CA ILE A 11 -5.77 0.85 6.13
C ILE A 11 -6.83 -0.28 6.01
N PRO A 12 -8.15 -0.03 6.17
CA PRO A 12 -9.16 -1.09 6.21
C PRO A 12 -9.35 -1.86 4.89
N HIS A 13 -8.92 -1.27 3.76
CA HIS A 13 -8.97 -1.90 2.43
C HIS A 13 -7.92 -3.03 2.30
N PRO A 14 -8.26 -4.22 1.77
CA PRO A 14 -7.37 -5.39 1.71
C PRO A 14 -6.31 -5.31 0.58
N LEU A 15 -5.69 -4.14 0.40
CA LEU A 15 -4.81 -3.83 -0.75
C LEU A 15 -3.46 -4.57 -0.72
N ALA A 16 -2.90 -4.79 0.49
CA ALA A 16 -1.75 -5.69 0.75
C ALA A 16 -1.49 -5.98 2.25
N LEU A 17 -2.02 -5.13 3.15
CA LEU A 17 -1.86 -5.21 4.62
C LEU A 17 -2.17 -6.60 5.21
N THR A 18 -3.08 -7.34 4.57
CA THR A 18 -3.60 -8.64 5.05
C THR A 18 -2.56 -9.78 4.99
N HIS A 19 -1.48 -9.61 4.20
CA HIS A 19 -0.44 -10.63 4.00
C HIS A 19 0.95 -10.03 3.75
N LYS A 20 1.38 -9.88 2.48
CA LYS A 20 2.77 -9.54 2.12
C LYS A 20 3.20 -8.12 2.48
N MET A 21 2.27 -7.13 2.42
CA MET A 21 2.53 -5.71 2.72
C MET A 21 3.79 -5.16 2.01
N GLY A 22 4.00 -5.53 0.75
CA GLY A 22 5.27 -5.31 0.03
C GLY A 22 5.67 -3.85 -0.20
N TRP A 23 4.68 -2.95 -0.37
CA TRP A 23 4.94 -1.56 -0.79
C TRP A 23 4.57 -0.52 0.26
N LEU A 24 3.67 -0.79 1.21
CA LEU A 24 3.34 0.15 2.30
C LEU A 24 4.56 0.39 3.20
N GLN A 25 5.36 -0.64 3.40
CA GLN A 25 6.65 -0.59 4.12
C GLN A 25 7.70 0.38 3.51
N LEU A 26 7.52 0.87 2.26
CA LEU A 26 8.40 1.87 1.62
C LEU A 26 7.67 3.12 1.06
N LEU A 27 6.32 3.10 1.00
CA LEU A 27 5.49 4.19 0.48
C LEU A 27 5.35 5.36 1.47
N GLY A 28 4.82 5.10 2.67
CA GLY A 28 4.55 6.10 3.73
C GLY A 28 3.46 7.15 3.45
N ARG A 29 3.05 7.35 2.18
CA ARG A 29 2.15 8.44 1.73
C ARG A 29 0.73 8.41 2.32
N MET A 30 0.13 7.23 2.46
CA MET A 30 -1.30 7.05 2.82
C MET A 30 -1.56 6.18 4.08
N PHE A 31 -0.52 5.75 4.79
CA PHE A 31 -0.58 4.75 5.87
C PHE A 31 0.37 5.09 7.04
N SER A 1 10.26 8.60 -5.76
CA SER A 1 9.13 7.65 -5.52
C SER A 1 8.75 6.88 -6.80
N TYR A 2 8.26 5.65 -6.66
CA TYR A 2 7.79 4.81 -7.77
C TYR A 2 6.43 5.27 -8.34
N TYR A 3 6.14 4.92 -9.60
CA TYR A 3 4.86 5.23 -10.27
C TYR A 3 3.69 4.42 -9.70
N ARG A 4 3.88 3.09 -9.55
CA ARG A 4 3.03 2.11 -8.85
C ARG A 4 1.51 2.37 -8.97
N PRO A 5 0.84 1.92 -10.05
CA PRO A 5 -0.62 2.09 -10.22
C PRO A 5 -1.46 1.58 -9.01
N ARG A 6 -0.98 0.50 -8.39
CA ARG A 6 -1.49 -0.12 -7.15
C ARG A 6 -1.57 0.82 -5.92
N GLU A 7 -0.88 1.97 -5.94
CA GLU A 7 -0.67 2.90 -4.82
C GLU A 7 -1.90 3.74 -4.43
N GLU A 8 -3.02 3.07 -4.18
CA GLU A 8 -4.23 3.62 -3.56
C GLU A 8 -4.10 3.68 -2.02
N GLU A 9 -5.01 4.41 -1.38
CA GLU A 9 -4.91 4.83 0.03
C GLU A 9 -5.81 4.09 1.06
N ALA A 10 -5.46 4.32 2.33
CA ALA A 10 -6.18 3.98 3.58
C ALA A 10 -6.30 2.48 3.97
N ILE A 11 -6.10 2.23 5.28
CA ILE A 11 -5.99 0.90 5.91
C ILE A 11 -7.15 -0.09 5.68
N PRO A 12 -8.43 0.29 5.83
CA PRO A 12 -9.55 -0.67 5.79
C PRO A 12 -9.81 -1.32 4.42
N HIS A 13 -9.31 -0.71 3.34
CA HIS A 13 -9.40 -1.22 1.98
C HIS A 13 -8.47 -2.44 1.78
N PRO A 14 -8.93 -3.60 1.24
CA PRO A 14 -8.11 -4.80 0.99
C PRO A 14 -7.02 -4.70 -0.11
N LEU A 15 -6.39 -3.53 -0.28
CA LEU A 15 -5.50 -3.20 -1.42
C LEU A 15 -4.22 -4.05 -1.47
N ALA A 16 -3.64 -4.40 -0.32
CA ALA A 16 -2.54 -5.37 -0.18
C ALA A 16 -2.34 -5.95 1.22
N LEU A 17 -2.82 -5.25 2.27
CA LEU A 17 -2.61 -5.50 3.71
C LEU A 17 -2.85 -6.96 4.12
N THR A 18 -3.85 -7.58 3.48
CA THR A 18 -4.30 -8.95 3.83
C THR A 18 -3.63 -10.06 3.00
N HIS A 19 -3.11 -9.72 1.81
CA HIS A 19 -2.56 -10.67 0.84
C HIS A 19 -1.04 -10.88 1.00
N LYS A 20 -0.30 -9.76 1.20
CA LYS A 20 1.18 -9.72 1.17
C LYS A 20 1.80 -8.51 1.89
N MET A 21 1.13 -7.34 1.82
CA MET A 21 1.60 -6.06 2.38
C MET A 21 2.98 -5.64 1.85
N GLY A 22 3.24 -5.91 0.56
CA GLY A 22 4.57 -5.80 -0.05
C GLY A 22 5.19 -4.40 -0.09
N TRP A 23 4.34 -3.36 -0.16
CA TRP A 23 4.80 -1.96 -0.30
C TRP A 23 4.41 -1.04 0.87
N LEU A 24 3.35 -1.33 1.64
CA LEU A 24 3.00 -0.51 2.81
C LEU A 24 4.09 -0.57 3.89
N GLN A 25 4.76 -1.72 3.98
CA GLN A 25 5.95 -1.93 4.84
C GLN A 25 7.15 -0.98 4.54
N LEU A 26 7.17 -0.29 3.39
CA LEU A 26 8.25 0.63 2.98
C LEU A 26 7.80 1.99 2.41
N LEU A 27 6.51 2.16 2.11
CA LEU A 27 5.91 3.39 1.55
C LEU A 27 5.84 4.53 2.59
N GLY A 28 5.19 4.29 3.73
CA GLY A 28 4.97 5.26 4.83
C GLY A 28 4.02 6.44 4.56
N ARG A 29 3.71 6.75 3.29
CA ARG A 29 2.97 7.96 2.84
C ARG A 29 1.51 8.04 3.32
N MET A 30 0.79 6.92 3.32
CA MET A 30 -0.69 6.89 3.50
C MET A 30 -1.20 5.91 4.59
N PHE A 31 -0.30 5.28 5.35
CA PHE A 31 -0.57 4.18 6.28
C PHE A 31 0.28 4.30 7.57
N SER A 1 8.72 9.65 -6.12
CA SER A 1 7.84 8.49 -5.82
C SER A 1 7.56 7.66 -7.08
N TYR A 2 7.29 6.36 -6.91
CA TYR A 2 6.94 5.44 -8.01
C TYR A 2 5.53 5.69 -8.59
N TYR A 3 5.29 5.25 -9.84
CA TYR A 3 3.97 5.31 -10.49
C TYR A 3 2.97 4.34 -9.85
N ARG A 4 3.38 3.07 -9.69
CA ARG A 4 2.73 1.98 -8.91
C ARG A 4 1.18 2.00 -8.98
N PRO A 5 0.53 1.44 -10.02
CA PRO A 5 -0.93 1.45 -10.16
C PRO A 5 -1.70 0.90 -8.94
N ARG A 6 -1.11 -0.13 -8.30
CA ARG A 6 -1.52 -0.75 -7.03
C ARG A 6 -1.59 0.21 -5.81
N GLU A 7 -1.02 1.41 -5.89
CA GLU A 7 -0.85 2.39 -4.81
C GLU A 7 -2.15 3.12 -4.41
N GLU A 8 -3.18 2.34 -4.06
CA GLU A 8 -4.39 2.80 -3.41
C GLU A 8 -4.13 3.20 -1.94
N GLU A 9 -5.03 4.00 -1.38
CA GLU A 9 -4.82 4.69 -0.08
C GLU A 9 -5.67 4.23 1.12
N ALA A 10 -6.75 3.46 0.88
CA ALA A 10 -7.72 3.15 1.94
C ALA A 10 -7.17 2.13 2.96
N ILE A 11 -7.03 2.54 4.22
CA ILE A 11 -6.52 1.72 5.33
C ILE A 11 -7.23 0.37 5.53
N PRO A 12 -8.58 0.29 5.57
CA PRO A 12 -9.30 -0.97 5.75
C PRO A 12 -9.27 -1.92 4.55
N HIS A 13 -8.97 -1.41 3.34
CA HIS A 13 -9.01 -2.19 2.10
C HIS A 13 -7.91 -3.29 2.04
N PRO A 14 -8.21 -4.50 1.50
CA PRO A 14 -7.23 -5.58 1.32
C PRO A 14 -6.31 -5.35 0.09
N LEU A 15 -5.91 -4.10 -0.18
CA LEU A 15 -5.18 -3.71 -1.40
C LEU A 15 -3.82 -4.43 -1.52
N ALA A 16 -3.14 -4.60 -0.40
CA ALA A 16 -1.96 -5.47 -0.20
C ALA A 16 -1.76 -5.93 1.27
N LEU A 17 -2.37 -5.23 2.23
CA LEU A 17 -2.37 -5.53 3.68
C LEU A 17 -2.70 -7.00 4.00
N THR A 18 -3.52 -7.65 3.17
CA THR A 18 -3.96 -9.05 3.36
C THR A 18 -2.85 -10.09 3.13
N HIS A 19 -1.78 -9.72 2.40
CA HIS A 19 -0.66 -10.62 2.05
C HIS A 19 0.66 -9.87 1.84
N LYS A 20 1.60 -10.01 2.79
CA LYS A 20 2.97 -9.45 2.83
C LYS A 20 3.09 -7.91 2.87
N MET A 21 2.11 -7.15 2.35
CA MET A 21 2.06 -5.67 2.35
C MET A 21 3.33 -4.98 1.79
N GLY A 22 3.99 -5.64 0.83
CA GLY A 22 5.33 -5.37 0.30
C GLY A 22 5.79 -3.91 0.21
N TRP A 23 4.91 -3.00 -0.20
CA TRP A 23 5.25 -1.59 -0.41
C TRP A 23 4.75 -0.68 0.72
N LEU A 24 3.69 -1.05 1.45
CA LEU A 24 3.25 -0.35 2.68
C LEU A 24 4.37 -0.36 3.73
N GLN A 25 5.15 -1.44 3.73
CA GLN A 25 6.36 -1.59 4.58
C GLN A 25 7.35 -0.41 4.52
N LEU A 26 7.44 0.31 3.38
CA LEU A 26 8.37 1.44 3.18
C LEU A 26 7.73 2.71 2.61
N LEU A 27 6.48 2.67 2.16
CA LEU A 27 5.70 3.82 1.72
C LEU A 27 5.37 4.74 2.90
N GLY A 28 4.59 4.25 3.87
CA GLY A 28 4.13 4.97 5.08
C GLY A 28 3.23 6.22 4.87
N ARG A 29 3.24 6.83 3.68
CA ARG A 29 2.64 8.16 3.40
C ARG A 29 1.10 8.24 3.50
N MET A 30 0.41 7.11 3.26
CA MET A 30 -1.07 7.03 3.24
C MET A 30 -1.69 6.16 4.36
N PHE A 31 -0.86 5.52 5.21
CA PHE A 31 -1.30 4.49 6.17
C PHE A 31 -0.68 4.71 7.58
N SER A 1 9.15 9.38 -5.93
CA SER A 1 8.24 8.22 -5.68
C SER A 1 8.04 7.36 -6.94
N TYR A 2 7.74 6.07 -6.76
CA TYR A 2 7.46 5.14 -7.87
C TYR A 2 6.10 5.38 -8.57
N TYR A 3 5.92 4.83 -9.77
CA TYR A 3 4.65 4.87 -10.51
C TYR A 3 3.59 3.96 -9.87
N ARG A 4 3.95 2.68 -9.62
CA ARG A 4 3.23 1.64 -8.84
C ARG A 4 1.70 1.65 -9.02
N PRO A 5 1.12 0.96 -10.02
CA PRO A 5 -0.33 0.95 -10.28
C PRO A 5 -1.18 0.54 -9.05
N ARG A 6 -0.68 -0.41 -8.26
CA ARG A 6 -1.24 -0.89 -6.98
C ARG A 6 -1.33 0.16 -5.87
N GLU A 7 -0.75 1.36 -6.04
CA GLU A 7 -0.64 2.43 -5.02
C GLU A 7 -1.95 3.19 -4.75
N GLU A 8 -3.02 2.43 -4.46
CA GLU A 8 -4.30 2.92 -3.93
C GLU A 8 -4.22 3.14 -2.40
N GLU A 9 -5.23 3.78 -1.83
CA GLU A 9 -5.21 4.33 -0.47
C GLU A 9 -6.13 3.62 0.56
N ALA A 10 -5.90 3.96 1.84
CA ALA A 10 -6.66 3.65 3.05
C ALA A 10 -6.67 2.17 3.53
N ILE A 11 -6.59 2.00 4.86
CA ILE A 11 -6.41 0.72 5.57
C ILE A 11 -7.46 -0.39 5.27
N PRO A 12 -8.79 -0.12 5.25
CA PRO A 12 -9.80 -1.18 5.15
C PRO A 12 -9.85 -1.90 3.78
N HIS A 13 -9.29 -1.29 2.73
CA HIS A 13 -9.18 -1.88 1.39
C HIS A 13 -8.09 -2.98 1.36
N PRO A 14 -8.35 -4.17 0.79
CA PRO A 14 -7.44 -5.33 0.83
C PRO A 14 -6.24 -5.24 -0.15
N LEU A 15 -5.65 -4.04 -0.31
CA LEU A 15 -4.63 -3.73 -1.32
C LEU A 15 -3.31 -4.50 -1.10
N ALA A 16 -2.88 -4.66 0.15
CA ALA A 16 -1.76 -5.55 0.54
C ALA A 16 -1.73 -5.94 2.03
N LEU A 17 -2.32 -5.11 2.90
CA LEU A 17 -2.22 -5.17 4.39
C LEU A 17 -2.47 -6.57 4.97
N THR A 18 -3.38 -7.32 4.33
CA THR A 18 -3.94 -8.59 4.85
C THR A 18 -3.13 -9.84 4.47
N HIS A 19 -2.29 -9.75 3.43
CA HIS A 19 -1.65 -10.93 2.81
C HIS A 19 -0.24 -10.73 2.20
N LYS A 20 0.34 -9.53 2.29
CA LYS A 20 1.71 -9.26 1.80
C LYS A 20 2.43 -8.09 2.49
N MET A 21 1.77 -6.93 2.58
CA MET A 21 2.31 -5.66 3.13
C MET A 21 3.69 -5.27 2.54
N GLY A 22 3.87 -5.49 1.24
CA GLY A 22 5.18 -5.37 0.58
C GLY A 22 5.71 -3.95 0.42
N TRP A 23 4.80 -2.97 0.27
CA TRP A 23 5.17 -1.58 -0.05
C TRP A 23 4.68 -0.54 0.95
N LEU A 24 3.71 -0.84 1.84
CA LEU A 24 3.30 0.10 2.89
C LEU A 24 4.42 0.36 3.90
N GLN A 25 5.22 -0.70 4.16
CA GLN A 25 6.44 -0.63 4.98
C GLN A 25 7.47 0.40 4.44
N LEU A 26 7.57 0.55 3.11
CA LEU A 26 8.42 1.56 2.45
C LEU A 26 7.73 2.93 2.35
N LEU A 27 6.42 2.94 2.05
CA LEU A 27 5.63 4.10 1.69
C LEU A 27 5.29 5.01 2.87
N GLY A 28 4.46 4.52 3.79
CA GLY A 28 3.84 5.23 4.92
C GLY A 28 2.92 6.43 4.60
N ARG A 29 3.06 7.07 3.42
CA ARG A 29 2.44 8.37 3.07
C ARG A 29 0.91 8.45 3.11
N MET A 30 0.23 7.32 2.89
CA MET A 30 -1.25 7.20 2.89
C MET A 30 -1.83 6.35 4.05
N PHE A 31 -1.00 5.87 4.98
CA PHE A 31 -1.37 4.88 6.01
C PHE A 31 -0.81 5.25 7.40
N SER A 1 8.96 9.77 -6.45
CA SER A 1 8.12 8.61 -6.04
C SER A 1 7.69 7.78 -7.25
N TYR A 2 7.35 6.49 -7.05
CA TYR A 2 6.94 5.57 -8.12
C TYR A 2 5.51 5.84 -8.65
N TYR A 3 5.22 5.37 -9.88
CA TYR A 3 3.89 5.46 -10.49
C TYR A 3 2.89 4.48 -9.83
N ARG A 4 3.29 3.21 -9.67
CA ARG A 4 2.65 2.12 -8.90
C ARG A 4 1.10 2.12 -8.96
N PRO A 5 0.47 1.51 -9.98
CA PRO A 5 -0.99 1.45 -10.10
C PRO A 5 -1.72 0.90 -8.85
N ARG A 6 -1.07 -0.07 -8.18
CA ARG A 6 -1.47 -0.69 -6.89
C ARG A 6 -1.61 0.28 -5.71
N GLU A 7 -1.12 1.51 -5.80
CA GLU A 7 -0.96 2.51 -4.73
C GLU A 7 -2.27 3.16 -4.24
N GLU A 8 -3.23 2.33 -3.85
CA GLU A 8 -4.45 2.69 -3.13
C GLU A 8 -4.12 3.12 -1.67
N GLU A 9 -5.03 3.89 -1.07
CA GLU A 9 -4.77 4.59 0.21
C GLU A 9 -5.52 4.09 1.46
N ALA A 10 -6.63 3.36 1.29
CA ALA A 10 -7.53 3.03 2.41
C ALA A 10 -7.02 1.83 3.24
N ILE A 11 -6.83 2.05 4.55
CA ILE A 11 -6.42 1.02 5.52
C ILE A 11 -7.27 -0.28 5.48
N PRO A 12 -8.62 -0.23 5.44
CA PRO A 12 -9.46 -1.45 5.39
C PRO A 12 -9.43 -2.21 4.06
N HIS A 13 -9.03 -1.57 2.95
CA HIS A 13 -9.01 -2.19 1.61
C HIS A 13 -7.94 -3.30 1.48
N PRO A 14 -8.22 -4.42 0.79
CA PRO A 14 -7.30 -5.56 0.66
C PRO A 14 -6.19 -5.34 -0.38
N LEU A 15 -5.62 -4.12 -0.48
CA LEU A 15 -4.71 -3.70 -1.55
C LEU A 15 -3.37 -4.46 -1.57
N ALA A 16 -2.77 -4.70 -0.40
CA ALA A 16 -1.54 -5.52 -0.24
C ALA A 16 -1.27 -5.95 1.20
N LEU A 17 -1.57 -5.07 2.16
CA LEU A 17 -1.25 -5.22 3.59
C LEU A 17 -1.85 -6.46 4.27
N THR A 18 -2.98 -6.94 3.75
CA THR A 18 -3.66 -8.16 4.25
C THR A 18 -3.01 -9.47 3.76
N HIS A 19 -2.24 -9.43 2.65
CA HIS A 19 -1.61 -10.62 2.03
C HIS A 19 -0.13 -10.76 2.38
N LYS A 20 0.67 -9.72 2.11
CA LYS A 20 2.14 -9.71 2.21
C LYS A 20 2.81 -8.36 2.49
N MET A 21 2.09 -7.24 2.32
CA MET A 21 2.52 -5.89 2.76
C MET A 21 3.86 -5.41 2.18
N GLY A 22 4.07 -5.64 0.88
CA GLY A 22 5.37 -5.44 0.22
C GLY A 22 5.83 -3.99 0.16
N TRP A 23 4.92 -3.06 -0.11
CA TRP A 23 5.26 -1.65 -0.38
C TRP A 23 4.82 -0.68 0.71
N LEU A 24 3.82 -1.01 1.53
CA LEU A 24 3.38 -0.13 2.65
C LEU A 24 4.51 0.11 3.66
N GLN A 25 5.33 -0.93 3.87
CA GLN A 25 6.51 -0.90 4.77
C GLN A 25 7.61 0.11 4.33
N LEU A 26 7.64 0.48 3.04
CA LEU A 26 8.61 1.43 2.46
C LEU A 26 7.97 2.73 1.88
N LEU A 27 6.64 2.75 1.73
CA LEU A 27 5.86 3.90 1.27
C LEU A 27 5.75 4.99 2.35
N GLY A 28 5.18 4.66 3.52
CA GLY A 28 4.94 5.58 4.66
C GLY A 28 3.88 6.69 4.47
N ARG A 29 3.46 6.96 3.22
CA ARG A 29 2.61 8.12 2.83
C ARG A 29 1.16 8.09 3.34
N MET A 30 0.53 6.90 3.37
CA MET A 30 -0.93 6.76 3.53
C MET A 30 -1.43 5.81 4.63
N PHE A 31 -0.52 5.13 5.35
CA PHE A 31 -0.82 4.05 6.32
C PHE A 31 0.01 4.19 7.61
N SER A 1 10.72 8.37 -5.68
CA SER A 1 9.64 7.38 -5.37
C SER A 1 9.14 6.69 -6.65
N TYR A 2 8.48 5.54 -6.50
CA TYR A 2 7.92 4.75 -7.62
C TYR A 2 6.62 5.36 -8.19
N TYR A 3 6.29 5.03 -9.45
CA TYR A 3 5.02 5.44 -10.09
C TYR A 3 3.80 4.69 -9.52
N ARG A 4 3.91 3.35 -9.42
CA ARG A 4 3.00 2.41 -8.72
C ARG A 4 1.50 2.75 -8.82
N PRO A 5 0.79 2.35 -9.89
CA PRO A 5 -0.67 2.57 -10.03
C PRO A 5 -1.49 2.08 -8.82
N ARG A 6 -1.06 0.95 -8.23
CA ARG A 6 -1.58 0.34 -6.99
C ARG A 6 -1.51 1.23 -5.73
N GLU A 7 -0.81 2.36 -5.74
CA GLU A 7 -0.55 3.26 -4.60
C GLU A 7 -1.79 4.10 -4.17
N GLU A 8 -2.88 3.40 -3.90
CA GLU A 8 -4.12 3.90 -3.27
C GLU A 8 -4.04 3.85 -1.73
N GLU A 9 -5.00 4.48 -1.05
CA GLU A 9 -4.95 4.76 0.41
C GLU A 9 -5.89 3.92 1.30
N ALA A 10 -5.63 4.01 2.61
CA ALA A 10 -6.42 3.54 3.76
C ALA A 10 -6.54 2.00 3.97
N ILE A 11 -6.45 1.60 5.25
CA ILE A 11 -6.37 0.19 5.72
C ILE A 11 -7.52 -0.76 5.28
N PRO A 12 -8.81 -0.38 5.35
CA PRO A 12 -9.92 -1.32 5.12
C PRO A 12 -10.05 -1.82 3.66
N HIS A 13 -9.46 -1.10 2.71
CA HIS A 13 -9.40 -1.48 1.29
C HIS A 13 -8.41 -2.65 1.06
N PRO A 14 -8.78 -3.76 0.40
CA PRO A 14 -7.91 -4.93 0.15
C PRO A 14 -6.71 -4.73 -0.80
N LEU A 15 -6.07 -3.55 -0.82
CA LEU A 15 -5.05 -3.14 -1.81
C LEU A 15 -3.78 -4.02 -1.78
N ALA A 16 -3.32 -4.40 -0.58
CA ALA A 16 -2.26 -5.41 -0.37
C ALA A 16 -2.23 -6.03 1.03
N LEU A 17 -2.86 -5.40 2.02
CA LEU A 17 -2.97 -5.85 3.42
C LEU A 17 -3.43 -7.32 3.56
N THR A 18 -4.25 -7.79 2.62
CA THR A 18 -4.79 -9.16 2.57
C THR A 18 -3.76 -10.24 2.20
N HIS A 19 -2.64 -9.86 1.55
CA HIS A 19 -1.59 -10.77 1.07
C HIS A 19 -0.20 -10.08 0.98
N LYS A 20 0.69 -10.46 1.90
CA LYS A 20 2.12 -10.06 2.05
C LYS A 20 2.48 -8.57 2.15
N MET A 21 1.57 -7.62 1.87
CA MET A 21 1.72 -6.16 2.10
C MET A 21 3.07 -5.59 1.61
N GLY A 22 3.44 -5.94 0.37
CA GLY A 22 4.78 -5.71 -0.21
C GLY A 22 5.32 -4.29 -0.15
N TRP A 23 4.47 -3.28 -0.31
CA TRP A 23 4.90 -1.88 -0.48
C TRP A 23 4.53 -0.96 0.68
N LEU A 24 3.53 -1.29 1.50
CA LEU A 24 3.16 -0.49 2.68
C LEU A 24 4.29 -0.43 3.71
N GLN A 25 5.01 -1.54 3.82
CA GLN A 25 6.22 -1.66 4.66
C GLN A 25 7.33 -0.65 4.29
N LEU A 26 7.42 -0.25 3.01
CA LEU A 26 8.37 0.75 2.50
C LEU A 26 7.78 2.17 2.41
N LEU A 27 6.46 2.28 2.19
CA LEU A 27 5.76 3.52 1.85
C LEU A 27 5.65 4.50 3.02
N GLY A 28 4.97 4.09 4.09
CA GLY A 28 4.63 4.91 5.27
C GLY A 28 3.67 6.11 5.08
N ARG A 29 3.46 6.58 3.84
CA ARG A 29 2.74 7.83 3.49
C ARG A 29 1.26 7.89 3.88
N MET A 30 0.54 6.78 3.78
CA MET A 30 -0.95 6.75 3.86
C MET A 30 -1.54 5.75 4.89
N PHE A 31 -0.69 5.13 5.74
CA PHE A 31 -1.05 4.00 6.62
C PHE A 31 -0.37 4.12 8.00
N SER A 1 10.77 7.89 -6.43
CA SER A 1 9.77 6.87 -6.01
C SER A 1 9.30 6.01 -7.19
N TYR A 2 8.75 4.82 -6.92
CA TYR A 2 8.24 3.90 -7.95
C TYR A 2 6.87 4.34 -8.53
N TYR A 3 6.55 3.86 -9.75
CA TYR A 3 5.29 4.16 -10.43
C TYR A 3 4.08 3.45 -9.78
N ARG A 4 4.20 2.13 -9.55
CA ARG A 4 3.30 1.24 -8.78
C ARG A 4 1.79 1.55 -8.96
N PRO A 5 1.11 1.03 -10.00
CA PRO A 5 -0.33 1.26 -10.21
C PRO A 5 -1.21 0.93 -8.98
N ARG A 6 -0.83 -0.13 -8.25
CA ARG A 6 -1.40 -0.59 -6.98
C ARG A 6 -1.33 0.42 -5.80
N GLU A 7 -0.60 1.54 -5.92
CA GLU A 7 -0.32 2.51 -4.85
C GLU A 7 -1.53 3.38 -4.42
N GLU A 8 -2.65 2.72 -4.15
CA GLU A 8 -3.87 3.23 -3.52
C GLU A 8 -3.66 3.69 -2.07
N GLU A 9 -4.59 4.49 -1.58
CA GLU A 9 -4.46 5.23 -0.32
C GLU A 9 -5.52 4.95 0.78
N ALA A 10 -6.61 4.25 0.46
CA ALA A 10 -7.73 4.06 1.39
C ALA A 10 -7.39 3.07 2.52
N ILE A 11 -7.23 3.57 3.75
CA ILE A 11 -6.85 2.77 4.95
C ILE A 11 -7.70 1.50 5.17
N PRO A 12 -9.05 1.53 5.14
CA PRO A 12 -9.89 0.36 5.38
C PRO A 12 -9.87 -0.69 4.24
N HIS A 13 -9.46 -0.32 3.03
CA HIS A 13 -9.48 -1.21 1.86
C HIS A 13 -8.48 -2.38 1.96
N PRO A 14 -8.83 -3.58 1.48
CA PRO A 14 -7.94 -4.75 1.44
C PRO A 14 -6.92 -4.70 0.27
N LEU A 15 -6.39 -3.50 -0.03
CA LEU A 15 -5.58 -3.25 -1.24
C LEU A 15 -4.25 -4.04 -1.26
N ALA A 16 -3.66 -4.25 -0.08
CA ALA A 16 -2.51 -5.14 0.18
C ALA A 16 -2.36 -5.52 1.66
N LEU A 17 -2.94 -4.73 2.58
CA LEU A 17 -3.04 -4.99 4.02
C LEU A 17 -3.49 -6.42 4.37
N THR A 18 -4.36 -7.01 3.53
CA THR A 18 -4.97 -8.34 3.75
C THR A 18 -3.97 -9.51 3.58
N HIS A 19 -2.85 -9.29 2.85
CA HIS A 19 -1.85 -10.33 2.54
C HIS A 19 -0.43 -9.76 2.38
N LYS A 20 0.46 -10.10 3.32
CA LYS A 20 1.89 -9.73 3.44
C LYS A 20 2.28 -8.24 3.42
N MET A 21 1.39 -7.31 3.03
CA MET A 21 1.55 -5.84 3.09
C MET A 21 2.90 -5.36 2.51
N GLY A 22 3.28 -5.91 1.35
CA GLY A 22 4.61 -5.79 0.74
C GLY A 22 5.17 -4.39 0.59
N TRP A 23 4.32 -3.40 0.28
CA TRP A 23 4.77 -2.04 -0.05
C TRP A 23 4.34 -0.97 0.95
N LEU A 24 3.31 -1.19 1.78
CA LEU A 24 2.90 -0.22 2.81
C LEU A 24 4.05 0.04 3.79
N GLN A 25 4.75 -1.03 4.17
CA GLN A 25 5.91 -0.99 5.08
C GLN A 25 7.14 -0.24 4.50
N LEU A 26 7.28 -0.16 3.16
CA LEU A 26 8.27 0.69 2.47
C LEU A 26 7.75 2.13 2.26
N LEU A 27 6.46 2.28 1.98
CA LEU A 27 5.78 3.50 1.55
C LEU A 27 5.66 4.53 2.67
N GLY A 28 4.94 4.19 3.75
CA GLY A 28 4.60 5.06 4.89
C GLY A 28 3.73 6.31 4.59
N ARG A 29 3.50 6.66 3.32
CA ARG A 29 2.87 7.92 2.86
C ARG A 29 1.39 8.08 3.26
N MET A 30 0.57 7.02 3.17
CA MET A 30 -0.89 7.10 3.31
C MET A 30 -1.50 6.25 4.45
N PHE A 31 -0.69 5.49 5.20
CA PHE A 31 -1.12 4.47 6.17
C PHE A 31 -0.32 4.52 7.48
N SER A 1 10.46 8.89 -4.56
CA SER A 1 9.04 8.45 -4.70
C SER A 1 8.84 7.57 -5.95
N TYR A 2 7.70 6.88 -6.07
CA TYR A 2 7.37 5.94 -7.16
C TYR A 2 5.87 5.94 -7.51
N TYR A 3 5.50 5.23 -8.57
CA TYR A 3 4.12 4.88 -8.91
C TYR A 3 3.99 3.38 -9.14
N ARG A 4 2.87 2.83 -8.67
CA ARG A 4 2.38 1.49 -8.97
C ARG A 4 0.84 1.55 -8.97
N PRO A 5 0.14 0.93 -9.92
CA PRO A 5 -1.31 1.14 -10.08
C PRO A 5 -2.13 0.74 -8.85
N ARG A 6 -1.67 -0.33 -8.19
CA ARG A 6 -2.09 -0.86 -6.86
C ARG A 6 -2.05 0.14 -5.69
N GLU A 7 -1.39 1.30 -5.82
CA GLU A 7 -1.04 2.28 -4.76
C GLU A 7 -2.22 3.09 -4.19
N GLU A 8 -3.28 2.38 -3.79
CA GLU A 8 -4.42 2.88 -3.02
C GLU A 8 -4.04 3.34 -1.60
N GLU A 9 -4.92 4.14 -0.99
CA GLU A 9 -4.63 4.88 0.26
C GLU A 9 -5.45 4.50 1.50
N ALA A 10 -6.57 3.78 1.36
CA ALA A 10 -7.48 3.53 2.49
C ALA A 10 -6.93 2.45 3.44
N ILE A 11 -6.67 2.82 4.69
CA ILE A 11 -6.12 1.92 5.74
C ILE A 11 -6.89 0.60 5.94
N PRO A 12 -8.24 0.58 6.05
CA PRO A 12 -9.02 -0.65 6.24
C PRO A 12 -9.11 -1.56 5.01
N HIS A 13 -8.85 -1.04 3.80
CA HIS A 13 -8.99 -1.79 2.54
C HIS A 13 -7.96 -2.93 2.41
N PRO A 14 -8.33 -4.11 1.87
CA PRO A 14 -7.42 -5.24 1.65
C PRO A 14 -6.55 -5.07 0.37
N LEU A 15 -6.10 -3.84 0.09
CA LEU A 15 -5.40 -3.49 -1.17
C LEU A 15 -4.11 -4.29 -1.38
N ALA A 16 -3.35 -4.51 -0.30
CA ALA A 16 -2.22 -5.46 -0.23
C ALA A 16 -1.95 -5.99 1.20
N LEU A 17 -2.46 -5.32 2.24
CA LEU A 17 -2.37 -5.70 3.66
C LEU A 17 -2.74 -7.17 3.95
N THR A 18 -3.64 -7.74 3.14
CA THR A 18 -4.11 -9.14 3.29
C THR A 18 -3.09 -10.19 2.81
N HIS A 19 -2.12 -9.81 1.96
CA HIS A 19 -1.14 -10.72 1.36
C HIS A 19 0.17 -10.01 0.94
N LYS A 20 1.30 -10.40 1.57
CA LYS A 20 2.68 -9.88 1.39
C LYS A 20 2.93 -8.41 1.77
N MET A 21 1.98 -7.51 1.51
CA MET A 21 2.03 -6.05 1.80
C MET A 21 3.33 -5.35 1.34
N GLY A 22 3.87 -5.81 0.22
CA GLY A 22 5.22 -5.51 -0.29
C GLY A 22 5.66 -4.05 -0.31
N TRP A 23 4.76 -3.12 -0.66
CA TRP A 23 5.12 -1.72 -0.92
C TRP A 23 4.79 -0.79 0.25
N LEU A 24 3.77 -1.10 1.05
CA LEU A 24 3.41 -0.36 2.28
C LEU A 24 4.61 -0.28 3.25
N GLN A 25 5.38 -1.38 3.28
CA GLN A 25 6.61 -1.52 4.09
C GLN A 25 7.70 -0.48 3.79
N LEU A 26 7.67 0.22 2.65
CA LEU A 26 8.59 1.31 2.29
C LEU A 26 7.89 2.60 1.79
N LEU A 27 6.56 2.60 1.70
CA LEU A 27 5.76 3.71 1.18
C LEU A 27 5.76 4.93 2.12
N GLY A 28 5.36 4.74 3.38
CA GLY A 28 5.23 5.78 4.42
C GLY A 28 4.17 6.88 4.21
N ARG A 29 3.62 7.02 2.99
CA ARG A 29 2.76 8.14 2.55
C ARG A 29 1.34 8.15 3.13
N MET A 30 0.66 7.00 3.20
CA MET A 30 -0.79 6.92 3.51
C MET A 30 -1.19 6.01 4.69
N PHE A 31 -0.26 5.30 5.32
CA PHE A 31 -0.51 4.25 6.33
C PHE A 31 0.43 4.36 7.53
N SER A 1 7.64 11.59 -6.77
CA SER A 1 7.26 10.26 -6.23
C SER A 1 7.54 9.14 -7.23
N TYR A 2 7.64 7.89 -6.74
CA TYR A 2 7.87 6.70 -7.58
C TYR A 2 6.57 6.21 -8.25
N TYR A 3 6.67 5.66 -9.48
CA TYR A 3 5.56 4.97 -10.12
C TYR A 3 5.29 3.63 -9.42
N ARG A 4 4.10 3.52 -8.81
CA ARG A 4 3.53 2.33 -8.22
C ARG A 4 2.03 2.32 -8.59
N PRO A 5 1.56 1.47 -9.52
CA PRO A 5 0.18 1.55 -10.02
C PRO A 5 -0.88 1.25 -8.94
N ARG A 6 -0.57 0.26 -8.10
CA ARG A 6 -1.34 -0.20 -6.92
C ARG A 6 -1.42 0.80 -5.75
N GLU A 7 -0.83 2.00 -5.84
CA GLU A 7 -0.64 2.99 -4.77
C GLU A 7 -1.94 3.75 -4.37
N GLU A 8 -3.01 3.00 -4.10
CA GLU A 8 -4.27 3.45 -3.49
C GLU A 8 -4.19 3.51 -1.95
N GLU A 9 -5.18 4.15 -1.33
CA GLU A 9 -5.17 4.57 0.07
C GLU A 9 -6.04 3.79 1.08
N ALA A 10 -5.75 4.06 2.37
CA ALA A 10 -6.48 3.69 3.59
C ALA A 10 -6.53 2.19 4.00
N ILE A 11 -6.33 1.96 5.31
CA ILE A 11 -6.18 0.65 5.97
C ILE A 11 -7.29 -0.39 5.72
N PRO A 12 -8.60 -0.06 5.81
CA PRO A 12 -9.68 -1.06 5.75
C PRO A 12 -9.84 -1.73 4.37
N HIS A 13 -9.33 -1.11 3.31
CA HIS A 13 -9.32 -1.67 1.95
C HIS A 13 -8.27 -2.78 1.79
N PRO A 14 -8.61 -3.97 1.25
CA PRO A 14 -7.71 -5.12 1.12
C PRO A 14 -6.72 -4.99 -0.07
N LEU A 15 -6.03 -3.85 -0.16
CA LEU A 15 -5.20 -3.48 -1.33
C LEU A 15 -3.91 -4.30 -1.46
N ALA A 16 -3.31 -4.69 -0.32
CA ALA A 16 -2.21 -5.68 -0.22
C ALA A 16 -1.98 -6.23 1.20
N LEU A 17 -2.39 -5.47 2.23
CA LEU A 17 -2.15 -5.74 3.66
C LEU A 17 -2.55 -7.16 4.11
N THR A 18 -3.59 -7.71 3.47
CA THR A 18 -4.24 -8.96 3.87
C THR A 18 -3.46 -10.22 3.47
N HIS A 19 -2.60 -10.12 2.44
CA HIS A 19 -1.95 -11.30 1.81
C HIS A 19 -0.53 -11.08 1.26
N LYS A 20 0.06 -9.89 1.38
CA LYS A 20 1.44 -9.60 0.91
C LYS A 20 2.15 -8.46 1.65
N MET A 21 1.49 -7.30 1.75
CA MET A 21 2.03 -6.05 2.33
C MET A 21 3.39 -5.62 1.72
N GLY A 22 3.55 -5.84 0.41
CA GLY A 22 4.84 -5.73 -0.29
C GLY A 22 5.41 -4.31 -0.41
N TRP A 23 4.53 -3.30 -0.43
CA TRP A 23 4.92 -1.89 -0.65
C TRP A 23 4.53 -0.94 0.49
N LEU A 24 3.52 -1.28 1.33
CA LEU A 24 3.18 -0.46 2.52
C LEU A 24 4.35 -0.41 3.51
N GLN A 25 5.09 -1.52 3.59
CA GLN A 25 6.31 -1.66 4.40
C GLN A 25 7.45 -0.66 4.03
N LEU A 26 7.42 -0.04 2.84
CA LEU A 26 8.40 0.96 2.39
C LEU A 26 7.79 2.32 2.01
N LEU A 27 6.47 2.41 1.86
CA LEU A 27 5.74 3.62 1.45
C LEU A 27 5.59 4.63 2.59
N GLY A 28 4.92 4.24 3.69
CA GLY A 28 4.64 5.09 4.87
C GLY A 28 3.66 6.28 4.66
N ARG A 29 3.37 6.66 3.41
CA ARG A 29 2.58 7.87 3.04
C ARG A 29 1.13 7.86 3.52
N MET A 30 0.47 6.70 3.49
CA MET A 30 -0.99 6.57 3.68
C MET A 30 -1.44 5.56 4.77
N PHE A 31 -0.49 4.98 5.53
CA PHE A 31 -0.71 3.86 6.46
C PHE A 31 0.16 3.99 7.73
N SER A 1 9.47 9.95 -5.83
CA SER A 1 8.62 8.77 -5.51
C SER A 1 8.42 7.87 -6.74
N TYR A 2 8.24 6.56 -6.52
CA TYR A 2 7.93 5.58 -7.59
C TYR A 2 6.43 5.54 -7.93
N TYR A 3 6.09 4.82 -9.01
CA TYR A 3 4.72 4.44 -9.35
C TYR A 3 4.57 2.93 -9.45
N ARG A 4 3.42 2.45 -8.98
CA ARG A 4 2.90 1.09 -9.16
C ARG A 4 1.37 1.21 -9.24
N PRO A 5 0.69 0.51 -10.15
CA PRO A 5 -0.73 0.76 -10.42
C PRO A 5 -1.64 0.52 -9.20
N ARG A 6 -1.28 -0.49 -8.41
CA ARG A 6 -1.83 -0.85 -7.08
C ARG A 6 -1.71 0.23 -5.99
N GLU A 7 -1.01 1.35 -6.20
CA GLU A 7 -0.70 2.39 -5.20
C GLU A 7 -1.90 3.29 -4.80
N GLU A 8 -3.01 2.65 -4.44
CA GLU A 8 -4.20 3.25 -3.82
C GLU A 8 -4.02 3.47 -2.31
N GLU A 9 -4.93 4.23 -1.69
CA GLU A 9 -4.78 4.77 -0.32
C GLU A 9 -5.66 4.12 0.77
N ALA A 10 -5.31 4.46 2.03
CA ALA A 10 -6.01 4.24 3.30
C ALA A 10 -6.12 2.78 3.82
N ILE A 11 -5.91 2.63 5.14
CA ILE A 11 -5.81 1.37 5.90
C ILE A 11 -7.01 0.39 5.75
N PRO A 12 -8.28 0.81 5.84
CA PRO A 12 -9.43 -0.12 5.87
C PRO A 12 -9.64 -0.89 4.55
N HIS A 13 -9.10 -0.41 3.44
CA HIS A 13 -9.15 -1.08 2.14
C HIS A 13 -8.13 -2.24 2.07
N PRO A 14 -8.54 -3.47 1.71
CA PRO A 14 -7.67 -4.66 1.71
C PRO A 14 -6.74 -4.73 0.47
N LEU A 15 -6.02 -3.64 0.20
CA LEU A 15 -5.26 -3.41 -1.05
C LEU A 15 -4.00 -4.30 -1.16
N ALA A 16 -3.30 -4.53 -0.05
CA ALA A 16 -2.20 -5.50 0.08
C ALA A 16 -1.92 -5.97 1.53
N LEU A 17 -2.32 -5.18 2.52
CA LEU A 17 -2.02 -5.33 3.97
C LEU A 17 -2.41 -6.71 4.53
N THR A 18 -3.47 -7.31 3.96
CA THR A 18 -4.04 -8.60 4.42
C THR A 18 -3.63 -9.81 3.55
N HIS A 19 -2.69 -9.61 2.61
CA HIS A 19 -2.21 -10.64 1.66
C HIS A 19 -0.70 -10.83 1.76
N LYS A 20 0.09 -9.78 1.49
CA LYS A 20 1.57 -9.78 1.45
C LYS A 20 2.24 -8.50 1.96
N MET A 21 1.54 -7.35 1.93
CA MET A 21 2.06 -6.02 2.33
C MET A 21 3.40 -5.64 1.68
N GLY A 22 3.54 -5.93 0.38
CA GLY A 22 4.83 -5.85 -0.34
C GLY A 22 5.42 -4.45 -0.48
N TRP A 23 4.58 -3.41 -0.57
CA TRP A 23 5.03 -2.04 -0.89
C TRP A 23 4.67 -0.99 0.17
N LEU A 24 3.75 -1.27 1.10
CA LEU A 24 3.46 -0.35 2.22
C LEU A 24 4.66 -0.21 3.16
N GLN A 25 5.38 -1.33 3.33
CA GLN A 25 6.64 -1.37 4.09
C GLN A 25 7.72 -0.42 3.54
N LEU A 26 7.75 -0.20 2.21
CA LEU A 26 8.63 0.80 1.56
C LEU A 26 8.01 2.22 1.56
N LEU A 27 6.69 2.31 1.36
CA LEU A 27 5.95 3.55 1.10
C LEU A 27 5.76 4.41 2.36
N GLY A 28 4.95 3.93 3.30
CA GLY A 28 4.47 4.63 4.51
C GLY A 28 3.64 5.91 4.33
N ARG A 29 3.76 6.61 3.19
CA ARG A 29 3.23 7.99 2.95
C ARG A 29 1.72 8.18 3.09
N MET A 30 0.93 7.13 2.79
CA MET A 30 -0.54 7.13 2.87
C MET A 30 -1.12 6.30 4.05
N PHE A 31 -0.27 5.76 4.93
CA PHE A 31 -0.62 4.77 5.97
C PHE A 31 0.04 5.10 7.33
N SER A 1 7.47 10.27 -6.66
CA SER A 1 7.33 8.88 -6.13
C SER A 1 7.26 7.85 -7.27
N TYR A 2 7.47 6.56 -6.94
CA TYR A 2 7.51 5.45 -7.91
C TYR A 2 6.19 5.18 -8.66
N TYR A 3 6.25 4.58 -9.86
CA TYR A 3 5.09 4.09 -10.61
C TYR A 3 4.63 2.72 -10.10
N ARG A 4 4.27 2.66 -8.82
CA ARG A 4 3.67 1.51 -8.15
C ARG A 4 2.21 1.36 -8.63
N PRO A 5 1.82 0.26 -9.30
CA PRO A 5 0.47 0.15 -9.89
C PRO A 5 -0.64 0.01 -8.83
N ARG A 6 -0.39 -0.82 -7.80
CA ARG A 6 -1.26 -1.11 -6.65
C ARG A 6 -1.50 0.08 -5.68
N GLU A 7 -0.91 1.24 -5.95
CA GLU A 7 -0.79 2.42 -5.07
C GLU A 7 -2.08 3.22 -4.80
N GLU A 8 -3.13 2.52 -4.39
CA GLU A 8 -4.37 3.07 -3.84
C GLU A 8 -4.26 3.31 -2.31
N GLU A 9 -5.25 4.02 -1.75
CA GLU A 9 -5.20 4.57 -0.38
C GLU A 9 -6.06 3.88 0.70
N ALA A 10 -5.74 4.24 1.95
CA ALA A 10 -6.46 3.96 3.21
C ALA A 10 -6.51 2.50 3.72
N ILE A 11 -6.35 2.35 5.04
CA ILE A 11 -6.19 1.08 5.78
C ILE A 11 -7.29 0.01 5.57
N PRO A 12 -8.60 0.32 5.61
CA PRO A 12 -9.66 -0.70 5.57
C PRO A 12 -9.77 -1.46 4.24
N HIS A 13 -9.25 -0.89 3.15
CA HIS A 13 -9.25 -1.51 1.82
C HIS A 13 -8.23 -2.67 1.73
N PRO A 14 -8.58 -3.82 1.13
CA PRO A 14 -7.74 -5.03 1.11
C PRO A 14 -6.59 -4.98 0.07
N LEU A 15 -5.93 -3.83 -0.05
CA LEU A 15 -4.93 -3.54 -1.10
C LEU A 15 -3.64 -4.36 -0.95
N ALA A 16 -3.16 -4.57 0.28
CA ALA A 16 -2.08 -5.53 0.62
C ALA A 16 -1.95 -5.84 2.13
N LEU A 17 -2.52 -5.00 3.02
CA LEU A 17 -2.40 -5.08 4.49
C LEU A 17 -2.63 -6.50 5.06
N THR A 18 -3.51 -7.27 4.43
CA THR A 18 -3.93 -8.61 4.88
C THR A 18 -2.90 -9.72 4.59
N HIS A 19 -1.97 -9.50 3.65
CA HIS A 19 -0.97 -10.49 3.21
C HIS A 19 0.31 -9.84 2.66
N LYS A 20 1.46 -10.18 3.24
CA LYS A 20 2.82 -9.66 2.95
C LYS A 20 3.07 -8.16 3.22
N MET A 21 2.10 -7.28 2.93
CA MET A 21 2.20 -5.82 3.12
C MET A 21 3.49 -5.24 2.48
N GLY A 22 3.80 -5.71 1.26
CA GLY A 22 5.09 -5.52 0.59
C GLY A 22 5.56 -4.10 0.36
N TRP A 23 4.63 -3.15 0.11
CA TRP A 23 4.97 -1.79 -0.28
C TRP A 23 4.60 -0.72 0.75
N LEU A 24 3.57 -0.94 1.58
CA LEU A 24 3.18 0.01 2.65
C LEU A 24 4.29 0.18 3.69
N GLN A 25 5.02 -0.90 3.97
CA GLN A 25 6.18 -0.92 4.87
C GLN A 25 7.33 0.06 4.48
N LEU A 26 7.34 0.61 3.24
CA LEU A 26 8.31 1.64 2.80
C LEU A 26 7.68 2.87 2.09
N LEU A 27 6.38 2.83 1.76
CA LEU A 27 5.66 3.92 1.09
C LEU A 27 5.51 5.17 1.98
N GLY A 28 4.89 5.01 3.17
CA GLY A 28 4.59 6.08 4.14
C GLY A 28 3.56 7.15 3.73
N ARG A 29 3.26 7.31 2.43
CA ARG A 29 2.45 8.42 1.85
C ARG A 29 0.98 8.49 2.29
N MET A 30 0.33 7.34 2.49
CA MET A 30 -1.14 7.25 2.65
C MET A 30 -1.64 6.43 3.86
N PHE A 31 -0.73 5.99 4.75
CA PHE A 31 -0.98 5.03 5.84
C PHE A 31 -0.21 5.41 7.13
N SER A 1 10.00 8.15 -6.69
CA SER A 1 8.96 7.14 -6.31
C SER A 1 8.54 6.29 -7.51
N TYR A 2 7.95 5.11 -7.27
CA TYR A 2 7.46 4.19 -8.32
C TYR A 2 6.13 4.64 -8.96
N TYR A 3 5.81 4.11 -10.14
CA TYR A 3 4.51 4.33 -10.81
C TYR A 3 3.36 3.58 -10.11
N ARG A 4 3.56 2.28 -9.84
CA ARG A 4 2.76 1.37 -9.00
C ARG A 4 1.23 1.60 -9.06
N PRO A 5 0.49 1.06 -10.06
CA PRO A 5 -0.97 1.19 -10.16
C PRO A 5 -1.73 0.78 -8.89
N ARG A 6 -1.22 -0.24 -8.21
CA ARG A 6 -1.66 -0.77 -6.90
C ARG A 6 -1.67 0.25 -5.74
N GLU A 7 -1.01 1.40 -5.88
CA GLU A 7 -0.72 2.40 -4.83
C GLU A 7 -1.95 3.25 -4.39
N GLU A 8 -3.01 2.54 -3.98
CA GLU A 8 -4.19 3.05 -3.31
C GLU A 8 -3.89 3.53 -1.87
N GLU A 9 -4.83 4.30 -1.31
CA GLU A 9 -4.62 5.05 -0.04
C GLU A 9 -5.53 4.70 1.15
N ALA A 10 -6.60 3.91 0.94
CA ALA A 10 -7.57 3.64 1.99
C ALA A 10 -7.09 2.54 2.97
N ILE A 11 -6.88 2.90 4.24
CA ILE A 11 -6.39 1.99 5.30
C ILE A 11 -7.17 0.65 5.43
N PRO A 12 -8.51 0.62 5.47
CA PRO A 12 -9.29 -0.62 5.61
C PRO A 12 -9.31 -1.52 4.35
N HIS A 13 -9.00 -0.99 3.17
CA HIS A 13 -9.08 -1.72 1.89
C HIS A 13 -8.06 -2.87 1.80
N PRO A 14 -8.41 -4.02 1.16
CA PRO A 14 -7.53 -5.19 1.02
C PRO A 14 -6.47 -5.02 -0.10
N LEU A 15 -5.88 -3.83 -0.24
CA LEU A 15 -4.96 -3.48 -1.34
C LEU A 15 -3.64 -4.28 -1.28
N ALA A 16 -3.14 -4.54 -0.07
CA ALA A 16 -2.04 -5.49 0.22
C ALA A 16 -2.02 -5.96 1.68
N LEU A 17 -2.60 -5.19 2.61
CA LEU A 17 -2.67 -5.45 4.06
C LEU A 17 -3.18 -6.86 4.41
N THR A 18 -4.06 -7.40 3.57
CA THR A 18 -4.78 -8.67 3.83
C THR A 18 -3.88 -9.92 3.75
N HIS A 19 -2.76 -9.85 3.00
CA HIS A 19 -1.96 -11.04 2.66
C HIS A 19 -0.44 -10.86 2.43
N LYS A 20 0.09 -9.62 2.36
CA LYS A 20 1.51 -9.38 2.02
C LYS A 20 2.13 -8.09 2.57
N MET A 21 1.39 -6.98 2.50
CA MET A 21 1.78 -5.61 2.93
C MET A 21 3.17 -5.14 2.45
N GLY A 22 3.57 -5.57 1.25
CA GLY A 22 4.92 -5.44 0.69
C GLY A 22 5.45 -4.02 0.54
N TRP A 23 4.59 -3.07 0.19
CA TRP A 23 5.01 -1.71 -0.19
C TRP A 23 4.58 -0.62 0.80
N LEU A 24 3.59 -0.86 1.67
CA LEU A 24 3.17 0.12 2.69
C LEU A 24 4.33 0.44 3.65
N GLN A 25 5.11 -0.59 3.99
CA GLN A 25 6.32 -0.48 4.82
C GLN A 25 7.40 0.42 4.19
N LEU A 26 7.55 0.38 2.86
CA LEU A 26 8.46 1.27 2.10
C LEU A 26 7.89 2.69 1.92
N LEU A 27 6.57 2.76 1.71
CA LEU A 27 5.81 3.93 1.30
C LEU A 27 5.69 4.98 2.42
N GLY A 28 5.08 4.59 3.55
CA GLY A 28 4.77 5.46 4.71
C GLY A 28 3.79 6.63 4.49
N ARG A 29 3.43 6.95 3.23
CA ARG A 29 2.66 8.14 2.82
C ARG A 29 1.21 8.17 3.31
N MET A 30 0.50 7.03 3.28
CA MET A 30 -0.97 6.95 3.50
C MET A 30 -1.41 5.99 4.64
N PHE A 31 -0.49 5.28 5.28
CA PHE A 31 -0.76 4.17 6.23
C PHE A 31 0.13 4.25 7.48
N SER A 1 10.03 9.93 -6.93
CA SER A 1 8.69 9.28 -6.86
C SER A 1 8.57 8.10 -7.84
N TYR A 2 7.54 7.26 -7.66
CA TYR A 2 7.26 6.08 -8.49
C TYR A 2 5.75 5.87 -8.69
N TYR A 3 5.37 4.92 -9.55
CA TYR A 3 4.00 4.44 -9.71
C TYR A 3 3.94 2.91 -9.72
N ARG A 4 2.86 2.38 -9.13
CA ARG A 4 2.41 1.00 -9.21
C ARG A 4 0.88 1.01 -9.21
N PRO A 5 0.18 0.24 -10.05
CA PRO A 5 -1.26 0.39 -10.25
C PRO A 5 -2.08 0.18 -8.97
N ARG A 6 -1.63 -0.75 -8.13
CA ARG A 6 -2.11 -1.07 -6.77
C ARG A 6 -2.03 0.08 -5.74
N GLU A 7 -1.39 1.21 -6.04
CA GLU A 7 -1.08 2.33 -5.13
C GLU A 7 -2.30 3.20 -4.70
N GLU A 8 -3.37 2.54 -4.27
CA GLU A 8 -4.56 3.11 -3.62
C GLU A 8 -4.35 3.33 -2.10
N GLU A 9 -5.27 4.05 -1.46
CA GLU A 9 -5.10 4.56 -0.08
C GLU A 9 -5.91 3.84 1.02
N ALA A 10 -5.54 4.15 2.27
CA ALA A 10 -6.20 3.85 3.55
C ALA A 10 -6.26 2.37 4.01
N ILE A 11 -6.04 2.18 5.32
CA ILE A 11 -5.87 0.87 6.00
C ILE A 11 -7.02 -0.16 5.82
N PRO A 12 -8.32 0.18 5.93
CA PRO A 12 -9.41 -0.80 5.92
C PRO A 12 -9.60 -1.50 4.56
N HIS A 13 -9.11 -0.91 3.47
CA HIS A 13 -9.17 -1.50 2.12
C HIS A 13 -8.14 -2.64 1.96
N PRO A 14 -8.51 -3.82 1.45
CA PRO A 14 -7.65 -5.02 1.40
C PRO A 14 -6.63 -4.97 0.24
N LEU A 15 -5.92 -3.85 0.08
CA LEU A 15 -5.03 -3.59 -1.06
C LEU A 15 -3.75 -4.46 -1.03
N ALA A 16 -3.16 -4.65 0.15
CA ALA A 16 -2.06 -5.62 0.40
C ALA A 16 -1.86 -6.01 1.88
N LEU A 17 -2.39 -5.21 2.82
CA LEU A 17 -2.33 -5.40 4.28
C LEU A 17 -2.78 -6.80 4.74
N THR A 18 -3.68 -7.43 3.99
CA THR A 18 -4.24 -8.76 4.30
C THR A 18 -3.19 -9.90 4.26
N HIS A 19 -2.05 -9.67 3.59
CA HIS A 19 -0.97 -10.66 3.44
C HIS A 19 0.44 -10.03 3.35
N LYS A 20 1.04 -9.98 2.15
CA LYS A 20 2.46 -9.63 1.95
C LYS A 20 2.84 -8.17 2.28
N MET A 21 1.91 -7.21 2.12
CA MET A 21 2.12 -5.76 2.30
C MET A 21 3.39 -5.19 1.64
N GLY A 22 3.76 -5.72 0.46
CA GLY A 22 5.04 -5.52 -0.21
C GLY A 22 5.56 -4.08 -0.34
N TRP A 23 4.66 -3.12 -0.58
CA TRP A 23 5.04 -1.74 -0.89
C TRP A 23 4.68 -0.74 0.23
N LEU A 24 3.74 -1.06 1.13
CA LEU A 24 3.45 -0.22 2.31
C LEU A 24 4.66 -0.12 3.24
N GLN A 25 5.42 -1.22 3.31
CA GLN A 25 6.72 -1.30 4.02
C GLN A 25 7.79 -0.30 3.52
N LEU A 26 7.64 0.32 2.33
CA LEU A 26 8.54 1.38 1.81
C LEU A 26 7.83 2.70 1.44
N LEU A 27 6.50 2.72 1.37
CA LEU A 27 5.69 3.89 1.05
C LEU A 27 5.40 4.78 2.27
N GLY A 28 4.59 4.27 3.22
CA GLY A 28 4.11 4.97 4.42
C GLY A 28 3.18 6.19 4.23
N ARG A 29 3.26 6.90 3.10
CA ARG A 29 2.62 8.21 2.86
C ARG A 29 1.10 8.27 3.04
N MET A 30 0.41 7.17 2.73
CA MET A 30 -1.07 7.05 2.82
C MET A 30 -1.56 6.21 4.03
N PHE A 31 -0.66 5.78 4.93
CA PHE A 31 -0.92 4.80 5.99
C PHE A 31 -0.26 5.22 7.33
N SER A 1 10.33 9.59 -5.87
CA SER A 1 8.93 9.08 -5.99
C SER A 1 8.80 8.06 -7.13
N TYR A 2 7.79 7.19 -7.07
CA TYR A 2 7.50 6.13 -8.07
C TYR A 2 5.97 5.98 -8.29
N TYR A 3 5.58 5.11 -9.22
CA TYR A 3 4.20 4.67 -9.41
C TYR A 3 4.09 3.14 -9.55
N ARG A 4 3.00 2.62 -9.01
CA ARG A 4 2.49 1.26 -9.20
C ARG A 4 0.95 1.35 -9.20
N PRO A 5 0.24 0.68 -10.11
CA PRO A 5 -1.21 0.92 -10.28
C PRO A 5 -2.03 0.64 -9.02
N ARG A 6 -1.62 -0.38 -8.27
CA ARG A 6 -2.10 -0.77 -6.93
C ARG A 6 -1.88 0.26 -5.80
N GLU A 7 -1.20 1.39 -6.02
CA GLU A 7 -0.80 2.39 -5.00
C GLU A 7 -1.98 3.24 -4.44
N GLU A 8 -3.01 2.54 -3.96
CA GLU A 8 -4.16 3.04 -3.20
C GLU A 8 -3.78 3.51 -1.79
N GLU A 9 -4.66 4.31 -1.19
CA GLU A 9 -4.34 5.05 0.05
C GLU A 9 -5.17 4.74 1.30
N ALA A 10 -6.33 4.06 1.16
CA ALA A 10 -7.26 3.86 2.27
C ALA A 10 -6.79 2.77 3.24
N ILE A 11 -6.53 3.14 4.50
CA ILE A 11 -6.07 2.23 5.56
C ILE A 11 -6.94 0.97 5.77
N PRO A 12 -8.28 1.05 5.86
CA PRO A 12 -9.13 -0.12 6.08
C PRO A 12 -9.26 -1.07 4.87
N HIS A 13 -8.94 -0.60 3.65
CA HIS A 13 -9.10 -1.38 2.41
C HIS A 13 -8.14 -2.59 2.36
N PRO A 14 -8.60 -3.79 1.94
CA PRO A 14 -7.76 -4.99 1.70
C PRO A 14 -6.78 -4.91 0.51
N LEU A 15 -6.22 -3.73 0.21
CA LEU A 15 -5.43 -3.47 -1.02
C LEU A 15 -4.18 -4.37 -1.16
N ALA A 16 -3.50 -4.64 -0.04
CA ALA A 16 -2.44 -5.66 0.08
C ALA A 16 -2.18 -6.15 1.52
N LEU A 17 -2.55 -5.36 2.52
CA LEU A 17 -2.30 -5.57 3.97
C LEU A 17 -2.65 -6.98 4.45
N THR A 18 -3.70 -7.57 3.88
CA THR A 18 -4.32 -8.82 4.38
C THR A 18 -3.60 -10.10 3.91
N HIS A 19 -2.85 -10.04 2.80
CA HIS A 19 -2.32 -11.24 2.12
C HIS A 19 -0.94 -11.13 1.44
N LYS A 20 -0.28 -9.95 1.47
CA LYS A 20 1.06 -9.76 0.87
C LYS A 20 1.88 -8.62 1.50
N MET A 21 1.27 -7.43 1.59
CA MET A 21 1.89 -6.18 2.11
C MET A 21 3.22 -5.82 1.41
N GLY A 22 3.33 -6.12 0.11
CA GLY A 22 4.59 -6.07 -0.64
C GLY A 22 5.24 -4.69 -0.78
N TRP A 23 4.42 -3.63 -0.82
CA TRP A 23 4.90 -2.26 -1.08
C TRP A 23 4.62 -1.27 0.06
N LEU A 24 3.63 -1.50 0.93
CA LEU A 24 3.39 -0.65 2.11
C LEU A 24 4.61 -0.63 3.02
N GLN A 25 5.28 -1.78 3.16
CA GLN A 25 6.54 -1.95 3.89
C GLN A 25 7.70 -1.04 3.42
N LEU A 26 7.71 -0.58 2.16
CA LEU A 26 8.71 0.38 1.63
C LEU A 26 8.13 1.78 1.32
N LEU A 27 6.80 1.91 1.28
CA LEU A 27 6.07 3.17 1.08
C LEU A 27 5.92 3.96 2.38
N GLY A 28 5.13 3.43 3.33
CA GLY A 28 4.83 4.02 4.64
C GLY A 28 4.07 5.37 4.68
N ARG A 29 4.11 6.17 3.60
CA ARG A 29 3.66 7.57 3.56
C ARG A 29 2.15 7.78 3.77
N MET A 30 1.33 6.83 3.33
CA MET A 30 -0.15 6.90 3.38
C MET A 30 -0.81 6.07 4.50
N PHE A 31 -0.03 5.30 5.28
CA PHE A 31 -0.51 4.28 6.25
C PHE A 31 0.18 4.41 7.62
N SER A 1 9.30 10.43 -6.09
CA SER A 1 7.96 9.84 -6.37
C SER A 1 8.07 8.63 -7.32
N TYR A 2 7.12 7.68 -7.24
CA TYR A 2 7.10 6.44 -8.04
C TYR A 2 5.65 6.00 -8.36
N TYR A 3 5.50 4.98 -9.21
CA TYR A 3 4.24 4.29 -9.47
C TYR A 3 4.37 2.77 -9.37
N ARG A 4 3.33 2.15 -8.84
CA ARG A 4 3.06 0.72 -8.85
C ARG A 4 1.53 0.55 -8.96
N PRO A 5 1.01 -0.37 -9.78
CA PRO A 5 -0.42 -0.39 -10.12
C PRO A 5 -1.36 -0.54 -8.91
N ARG A 6 -0.97 -1.39 -7.95
CA ARG A 6 -1.69 -1.63 -6.69
C ARG A 6 -1.61 -0.51 -5.62
N GLU A 7 -1.04 0.66 -5.92
CA GLU A 7 -0.79 1.80 -5.00
C GLU A 7 -2.07 2.58 -4.57
N GLU A 8 -3.12 1.85 -4.20
CA GLU A 8 -4.36 2.36 -3.62
C GLU A 8 -4.16 2.92 -2.20
N GLU A 9 -5.11 3.74 -1.76
CA GLU A 9 -4.99 4.57 -0.54
C GLU A 9 -5.93 4.21 0.63
N ALA A 10 -6.95 3.37 0.41
CA ALA A 10 -7.98 3.11 1.42
C ALA A 10 -7.49 2.13 2.51
N ILE A 11 -7.44 2.58 3.76
CA ILE A 11 -6.95 1.80 4.92
C ILE A 11 -7.59 0.40 5.10
N PRO A 12 -8.93 0.24 5.05
CA PRO A 12 -9.58 -1.06 5.23
C PRO A 12 -9.43 -2.04 4.05
N HIS A 13 -9.09 -1.55 2.85
CA HIS A 13 -9.02 -2.37 1.62
C HIS A 13 -7.88 -3.41 1.64
N PRO A 14 -8.08 -4.61 1.06
CA PRO A 14 -7.08 -5.69 1.02
C PRO A 14 -5.99 -5.48 -0.06
N LEU A 15 -5.56 -4.22 -0.29
CA LEU A 15 -4.69 -3.85 -1.42
C LEU A 15 -3.30 -4.51 -1.35
N ALA A 16 -2.77 -4.67 -0.13
CA ALA A 16 -1.59 -5.50 0.20
C ALA A 16 -1.47 -5.88 1.69
N LEU A 17 -2.19 -5.21 2.58
CA LEU A 17 -2.21 -5.39 4.04
C LEU A 17 -2.49 -6.85 4.46
N THR A 18 -3.26 -7.59 3.66
CA THR A 18 -3.60 -9.00 3.91
C THR A 18 -2.60 -10.00 3.31
N HIS A 19 -1.60 -9.49 2.58
CA HIS A 19 -0.50 -10.21 1.93
C HIS A 19 0.84 -9.81 2.60
N LYS A 20 1.94 -9.70 1.83
CA LYS A 20 3.27 -9.31 2.32
C LYS A 20 3.40 -7.84 2.80
N MET A 21 2.43 -6.98 2.48
CA MET A 21 2.42 -5.52 2.74
C MET A 21 3.75 -4.82 2.40
N GLY A 22 4.32 -5.19 1.24
CA GLY A 22 5.70 -4.84 0.84
C GLY A 22 6.03 -3.36 0.72
N TRP A 23 5.08 -2.52 0.30
CA TRP A 23 5.35 -1.12 -0.07
C TRP A 23 4.73 -0.11 0.89
N LEU A 24 3.69 -0.47 1.66
CA LEU A 24 3.11 0.41 2.70
C LEU A 24 4.18 0.81 3.74
N GLN A 25 5.03 -0.17 4.07
CA GLN A 25 6.13 -0.01 5.03
C GLN A 25 7.12 1.12 4.67
N LEU A 26 7.44 1.30 3.37
CA LEU A 26 8.31 2.39 2.89
C LEU A 26 7.54 3.64 2.43
N LEU A 27 6.28 3.48 2.02
CA LEU A 27 5.38 4.54 1.57
C LEU A 27 4.93 5.45 2.72
N GLY A 28 4.19 4.89 3.69
CA GLY A 28 3.66 5.57 4.89
C GLY A 28 2.69 6.75 4.70
N ARG A 29 2.53 7.29 3.48
CA ARG A 29 1.82 8.56 3.24
C ARG A 29 0.29 8.51 3.31
N MET A 30 -0.31 7.36 2.96
CA MET A 30 -1.78 7.16 2.96
C MET A 30 -2.32 6.32 4.14
N PHE A 31 -1.45 5.72 4.97
CA PHE A 31 -1.81 4.72 5.99
C PHE A 31 -1.19 5.03 7.37
N SER A 1 7.73 11.37 -6.82
CA SER A 1 7.15 10.09 -6.30
C SER A 1 6.92 9.08 -7.43
N TYR A 2 7.00 7.78 -7.10
CA TYR A 2 6.72 6.68 -8.05
C TYR A 2 5.21 6.40 -8.21
N TYR A 3 4.84 5.59 -9.21
CA TYR A 3 3.50 5.01 -9.36
C TYR A 3 3.57 3.48 -9.42
N ARG A 4 2.56 2.86 -8.81
CA ARG A 4 2.23 1.44 -8.92
C ARG A 4 0.71 1.32 -8.78
N PRO A 5 0.02 0.50 -9.58
CA PRO A 5 -1.45 0.52 -9.65
C PRO A 5 -2.16 0.25 -8.32
N ARG A 6 -1.57 -0.66 -7.52
CA ARG A 6 -1.94 -0.97 -6.12
C ARG A 6 -1.94 0.21 -5.13
N GLU A 7 -1.28 1.34 -5.43
CA GLU A 7 -0.94 2.46 -4.53
C GLU A 7 -2.11 3.32 -3.96
N GLU A 8 -3.23 2.70 -3.63
CA GLU A 8 -4.33 3.27 -2.86
C GLU A 8 -3.92 3.52 -1.39
N GLU A 9 -4.68 4.38 -0.70
CA GLU A 9 -4.32 4.93 0.61
C GLU A 9 -5.18 4.48 1.82
N ALA A 10 -6.32 3.83 1.60
CA ALA A 10 -7.29 3.55 2.67
C ALA A 10 -6.81 2.41 3.59
N ILE A 11 -6.55 2.72 4.86
CA ILE A 11 -6.04 1.77 5.87
C ILE A 11 -6.86 0.46 6.02
N PRO A 12 -8.21 0.50 6.13
CA PRO A 12 -9.01 -0.73 6.28
C PRO A 12 -9.12 -1.59 5.00
N HIS A 13 -8.85 -1.01 3.82
CA HIS A 13 -9.01 -1.69 2.52
C HIS A 13 -7.99 -2.83 2.30
N PRO A 14 -8.40 -3.99 1.75
CA PRO A 14 -7.51 -5.10 1.40
C PRO A 14 -6.74 -4.85 0.09
N LEU A 15 -6.13 -3.66 -0.08
CA LEU A 15 -5.52 -3.22 -1.34
C LEU A 15 -4.23 -4.00 -1.69
N ALA A 16 -3.41 -4.32 -0.68
CA ALA A 16 -2.23 -5.18 -0.78
C ALA A 16 -1.79 -5.83 0.54
N LEU A 17 -2.21 -5.27 1.68
CA LEU A 17 -1.85 -5.68 3.04
C LEU A 17 -2.09 -7.18 3.32
N THR A 18 -3.11 -7.75 2.66
CA THR A 18 -3.48 -9.19 2.80
C THR A 18 -2.91 -10.10 1.69
N HIS A 19 -2.44 -9.51 0.58
CA HIS A 19 -1.95 -10.24 -0.61
C HIS A 19 -0.46 -10.59 -0.47
N LYS A 20 0.34 -9.61 -0.02
CA LYS A 20 1.81 -9.68 0.07
C LYS A 20 2.43 -8.63 1.01
N MET A 21 1.79 -7.45 1.11
CA MET A 21 2.32 -6.25 1.81
C MET A 21 3.72 -5.86 1.30
N GLY A 22 3.90 -5.89 -0.03
CA GLY A 22 5.22 -5.74 -0.66
C GLY A 22 5.76 -4.31 -0.68
N TRP A 23 4.86 -3.32 -0.74
CA TRP A 23 5.24 -1.91 -0.95
C TRP A 23 4.85 -0.99 0.22
N LEU A 24 3.87 -1.36 1.07
CA LEU A 24 3.52 -0.55 2.26
C LEU A 24 4.74 -0.39 3.19
N GLN A 25 5.50 -1.48 3.32
CA GLN A 25 6.73 -1.54 4.13
C GLN A 25 7.83 -0.53 3.71
N LEU A 26 7.94 -0.20 2.41
CA LEU A 26 8.88 0.81 1.89
C LEU A 26 8.25 2.18 1.59
N LEU A 27 6.92 2.24 1.50
CA LEU A 27 6.13 3.45 1.29
C LEU A 27 5.94 4.24 2.60
N GLY A 28 5.29 3.64 3.60
CA GLY A 28 5.03 4.18 4.94
C GLY A 28 4.18 5.47 5.05
N ARG A 29 3.92 6.19 3.94
CA ARG A 29 3.33 7.55 3.95
C ARG A 29 1.82 7.62 4.22
N MET A 30 1.07 6.59 3.80
CA MET A 30 -0.41 6.55 3.94
C MET A 30 -0.93 5.63 5.08
N PHE A 31 -0.06 4.81 5.70
CA PHE A 31 -0.45 3.73 6.63
C PHE A 31 0.39 3.74 7.93
N SER A 1 7.94 10.20 -4.82
CA SER A 1 8.82 9.09 -4.37
C SER A 1 8.95 8.00 -5.45
N TYR A 2 7.92 7.16 -5.65
CA TYR A 2 7.87 6.08 -6.66
C TYR A 2 6.45 5.88 -7.23
N TYR A 3 6.31 4.98 -8.21
CA TYR A 3 5.03 4.49 -8.70
C TYR A 3 5.03 2.97 -8.83
N ARG A 4 3.89 2.36 -8.51
CA ARG A 4 3.54 0.96 -8.77
C ARG A 4 2.03 0.92 -9.03
N PRO A 5 1.53 0.14 -9.99
CA PRO A 5 0.12 0.21 -10.41
C PRO A 5 -0.87 -0.11 -9.27
N ARG A 6 -0.48 -1.08 -8.44
CA ARG A 6 -1.11 -1.47 -7.16
C ARG A 6 -1.15 -0.38 -6.07
N GLU A 7 -0.57 0.81 -6.25
CA GLU A 7 -0.45 1.88 -5.24
C GLU A 7 -1.78 2.62 -4.95
N GLU A 8 -2.79 1.85 -4.54
CA GLU A 8 -4.08 2.26 -4.00
C GLU A 8 -3.97 2.91 -2.61
N GLU A 9 -4.98 3.68 -2.24
CA GLU A 9 -4.93 4.57 -1.06
C GLU A 9 -5.92 4.27 0.08
N ALA A 10 -6.93 3.42 -0.14
CA ALA A 10 -8.01 3.22 0.82
C ALA A 10 -7.57 2.35 2.03
N ILE A 11 -7.53 2.94 3.23
CA ILE A 11 -7.09 2.29 4.47
C ILE A 11 -7.79 0.94 4.79
N PRO A 12 -9.13 0.82 4.71
CA PRO A 12 -9.84 -0.44 5.01
C PRO A 12 -9.67 -1.54 3.95
N HIS A 13 -9.26 -1.20 2.72
CA HIS A 13 -9.17 -2.15 1.59
C HIS A 13 -8.05 -3.21 1.79
N PRO A 14 -8.28 -4.48 1.40
CA PRO A 14 -7.29 -5.57 1.48
C PRO A 14 -6.26 -5.50 0.31
N LEU A 15 -5.80 -4.29 -0.05
CA LEU A 15 -4.94 -4.06 -1.24
C LEU A 15 -3.57 -4.77 -1.13
N ALA A 16 -3.02 -4.85 0.09
CA ALA A 16 -1.88 -5.70 0.47
C ALA A 16 -1.76 -5.93 1.99
N LEU A 17 -2.36 -5.06 2.82
CA LEU A 17 -2.39 -5.08 4.29
C LEU A 17 -2.78 -6.45 4.88
N THR A 18 -3.64 -7.20 4.16
CA THR A 18 -4.22 -8.47 4.63
C THR A 18 -3.20 -9.63 4.70
N HIS A 19 -2.05 -9.50 4.01
CA HIS A 19 -1.02 -10.54 3.94
C HIS A 19 0.39 -9.98 3.78
N LYS A 20 0.89 -9.80 2.54
CA LYS A 20 2.30 -9.47 2.26
C LYS A 20 2.73 -8.08 2.76
N MET A 21 1.87 -7.07 2.61
CA MET A 21 2.13 -5.66 2.96
C MET A 21 3.47 -5.15 2.40
N GLY A 22 3.80 -5.57 1.17
CA GLY A 22 5.14 -5.43 0.57
C GLY A 22 5.64 -4.00 0.39
N TRP A 23 4.74 -3.05 0.16
CA TRP A 23 5.11 -1.66 -0.18
C TRP A 23 4.60 -0.62 0.83
N LEU A 24 3.49 -0.88 1.54
CA LEU A 24 2.98 0.01 2.61
C LEU A 24 4.02 0.21 3.71
N GLN A 25 4.76 -0.87 4.01
CA GLN A 25 5.85 -0.88 5.01
C GLN A 25 6.99 0.13 4.74
N LEU A 26 7.13 0.63 3.51
CA LEU A 26 8.07 1.72 3.15
C LEU A 26 7.41 2.96 2.52
N LEU A 27 6.12 2.89 2.17
CA LEU A 27 5.33 4.01 1.63
C LEU A 27 5.12 5.12 2.67
N GLY A 28 4.44 4.79 3.78
CA GLY A 28 4.08 5.69 4.90
C GLY A 28 3.15 6.88 4.59
N ARG A 29 2.95 7.25 3.32
CA ARG A 29 2.29 8.52 2.91
C ARG A 29 0.75 8.52 2.93
N MET A 30 0.11 7.38 2.63
CA MET A 30 -1.36 7.27 2.48
C MET A 30 -2.09 6.51 3.63
N PHE A 31 -1.35 5.92 4.58
CA PHE A 31 -1.87 5.00 5.62
C PHE A 31 -1.29 5.32 7.01
N SER A 1 8.57 10.19 -5.66
CA SER A 1 7.70 9.00 -5.44
C SER A 1 7.41 8.26 -6.75
N TYR A 2 7.16 6.94 -6.67
CA TYR A 2 6.80 6.10 -7.83
C TYR A 2 5.38 6.38 -8.38
N TYR A 3 5.13 6.00 -9.63
CA TYR A 3 3.80 6.09 -10.26
C TYR A 3 2.80 5.09 -9.66
N ARG A 4 3.21 3.81 -9.56
CA ARG A 4 2.57 2.68 -8.84
C ARG A 4 1.03 2.70 -8.89
N PRO A 5 0.37 2.13 -9.93
CA PRO A 5 -1.10 2.14 -10.05
C PRO A 5 -1.84 1.58 -8.82
N ARG A 6 -1.28 0.53 -8.21
CA ARG A 6 -1.73 -0.10 -6.95
C ARG A 6 -1.72 0.81 -5.71
N GLU A 7 -1.14 2.01 -5.77
CA GLU A 7 -0.95 2.95 -4.65
C GLU A 7 -2.23 3.67 -4.19
N GLU A 8 -3.27 2.89 -3.91
CA GLU A 8 -4.50 3.31 -3.23
C GLU A 8 -4.30 3.38 -1.70
N GLU A 9 -5.25 3.98 -1.00
CA GLU A 9 -5.12 4.39 0.41
C GLU A 9 -5.90 3.59 1.47
N ALA A 10 -5.49 3.82 2.74
CA ALA A 10 -6.13 3.41 4.00
C ALA A 10 -6.14 1.90 4.35
N ILE A 11 -5.89 1.62 5.64
CA ILE A 11 -5.68 0.29 6.25
C ILE A 11 -6.80 -0.76 6.03
N PRO A 12 -8.10 -0.44 6.21
CA PRO A 12 -9.17 -1.45 6.18
C PRO A 12 -9.40 -2.09 4.79
N HIS A 13 -8.97 -1.42 3.72
CA HIS A 13 -9.06 -1.92 2.34
C HIS A 13 -8.03 -3.04 2.07
N PRO A 14 -8.42 -4.23 1.54
CA PRO A 14 -7.52 -5.36 1.25
C PRO A 14 -6.51 -5.16 0.08
N LEU A 15 -5.95 -3.95 -0.09
CA LEU A 15 -5.16 -3.55 -1.26
C LEU A 15 -3.86 -4.36 -1.43
N ALA A 16 -3.16 -4.67 -0.33
CA ALA A 16 -2.03 -5.61 -0.29
C ALA A 16 -1.75 -6.24 1.08
N LEU A 17 -2.20 -5.60 2.17
CA LEU A 17 -1.93 -5.95 3.58
C LEU A 17 -2.17 -7.43 3.91
N THR A 18 -3.17 -8.03 3.25
CA THR A 18 -3.69 -9.38 3.57
C THR A 18 -2.89 -10.53 2.94
N HIS A 19 -2.15 -10.26 1.85
CA HIS A 19 -1.53 -11.30 1.00
C HIS A 19 -0.18 -10.94 0.36
N LYS A 20 0.40 -9.77 0.67
CA LYS A 20 1.71 -9.33 0.14
C LYS A 20 2.44 -8.34 1.05
N MET A 21 1.78 -7.20 1.33
CA MET A 21 2.34 -6.03 2.04
C MET A 21 3.67 -5.53 1.45
N GLY A 22 3.85 -5.65 0.13
CA GLY A 22 5.15 -5.47 -0.55
C GLY A 22 5.69 -4.04 -0.54
N TRP A 23 4.79 -3.05 -0.50
CA TRP A 23 5.15 -1.62 -0.57
C TRP A 23 4.73 -0.79 0.65
N LEU A 24 3.72 -1.21 1.42
CA LEU A 24 3.34 -0.49 2.67
C LEU A 24 4.47 -0.55 3.71
N GLN A 25 5.21 -1.65 3.71
CA GLN A 25 6.43 -1.85 4.53
C GLN A 25 7.54 -0.80 4.29
N LEU A 26 7.50 -0.03 3.18
CA LEU A 26 8.49 1.02 2.84
C LEU A 26 7.88 2.38 2.45
N LEU A 27 6.57 2.44 2.17
CA LEU A 27 5.83 3.67 1.86
C LEU A 27 5.50 4.47 3.13
N GLY A 28 4.67 3.91 4.01
CA GLY A 28 4.17 4.53 5.26
C GLY A 28 3.27 5.79 5.13
N ARG A 29 3.35 6.54 4.02
CA ARG A 29 2.75 7.88 3.85
C ARG A 29 1.22 7.96 4.00
N MET A 30 0.51 6.88 3.68
CA MET A 30 -0.96 6.76 3.79
C MET A 30 -1.44 5.75 4.86
N PHE A 31 -0.53 5.19 5.67
CA PHE A 31 -0.77 4.06 6.59
C PHE A 31 -0.09 4.27 7.97
N SER A 1 9.35 9.88 -6.68
CA SER A 1 8.77 8.62 -6.13
C SER A 1 8.41 7.63 -7.24
N TYR A 2 8.22 6.35 -6.90
CA TYR A 2 7.87 5.27 -7.84
C TYR A 2 6.37 5.24 -8.17
N TYR A 3 5.99 4.43 -9.17
CA TYR A 3 4.61 4.05 -9.46
C TYR A 3 4.44 2.54 -9.48
N ARG A 4 3.31 2.09 -8.94
CA ARG A 4 2.77 0.73 -9.04
C ARG A 4 1.24 0.87 -9.06
N PRO A 5 0.50 0.16 -9.94
CA PRO A 5 -0.94 0.42 -10.13
C PRO A 5 -1.77 0.20 -8.85
N ARG A 6 -1.36 -0.80 -8.07
CA ARG A 6 -1.80 -1.13 -6.71
C ARG A 6 -1.65 -0.02 -5.65
N GLU A 7 -0.99 1.10 -5.93
CA GLU A 7 -0.67 2.21 -5.00
C GLU A 7 -1.88 3.09 -4.62
N GLU A 8 -2.98 2.46 -4.21
CA GLU A 8 -4.18 3.06 -3.63
C GLU A 8 -4.03 3.31 -2.10
N GLU A 9 -4.97 4.06 -1.52
CA GLU A 9 -4.85 4.63 -0.16
C GLU A 9 -5.69 3.98 0.96
N ALA A 10 -5.32 4.35 2.20
CA ALA A 10 -6.00 4.13 3.48
C ALA A 10 -6.15 2.68 4.01
N ILE A 11 -5.86 2.54 5.32
CA ILE A 11 -5.82 1.29 6.11
C ILE A 11 -7.05 0.36 5.99
N PRO A 12 -8.31 0.83 6.12
CA PRO A 12 -9.49 -0.05 6.13
C PRO A 12 -9.74 -0.81 4.81
N HIS A 13 -9.18 -0.33 3.68
CA HIS A 13 -9.26 -1.01 2.39
C HIS A 13 -8.27 -2.18 2.31
N PRO A 14 -8.69 -3.42 1.97
CA PRO A 14 -7.84 -4.62 1.95
C PRO A 14 -6.95 -4.70 0.71
N LEU A 15 -6.23 -3.61 0.39
CA LEU A 15 -5.44 -3.44 -0.84
C LEU A 15 -4.26 -4.42 -0.93
N ALA A 16 -3.47 -4.52 0.14
CA ALA A 16 -2.38 -5.50 0.27
C ALA A 16 -2.06 -5.92 1.72
N LEU A 17 -2.48 -5.14 2.72
CA LEU A 17 -2.26 -5.34 4.17
C LEU A 17 -2.63 -6.76 4.65
N THR A 18 -3.61 -7.38 4.00
CA THR A 18 -4.10 -8.74 4.35
C THR A 18 -3.14 -9.88 3.94
N HIS A 19 -2.16 -9.60 3.06
CA HIS A 19 -1.19 -10.58 2.55
C HIS A 19 0.12 -9.91 2.04
N LYS A 20 0.22 -9.63 0.73
CA LYS A 20 1.41 -9.20 0.00
C LYS A 20 1.71 -7.69 0.17
N MET A 21 1.84 -7.24 1.43
CA MET A 21 2.10 -5.87 1.87
C MET A 21 3.49 -5.28 1.50
N GLY A 22 4.08 -5.73 0.38
CA GLY A 22 5.46 -5.51 -0.06
C GLY A 22 5.93 -4.07 -0.17
N TRP A 23 5.01 -3.13 -0.40
CA TRP A 23 5.33 -1.74 -0.72
C TRP A 23 4.89 -0.75 0.37
N LEU A 24 3.94 -1.10 1.25
CA LEU A 24 3.53 -0.24 2.37
C LEU A 24 4.69 0.00 3.35
N GLN A 25 5.45 -1.07 3.59
CA GLN A 25 6.70 -1.03 4.38
C GLN A 25 7.74 -0.02 3.83
N LEU A 26 7.80 0.20 2.51
CA LEU A 26 8.63 1.22 1.86
C LEU A 26 7.99 2.61 1.87
N LEU A 27 6.67 2.67 1.65
CA LEU A 27 5.87 3.85 1.37
C LEU A 27 5.56 4.68 2.62
N GLY A 28 4.73 4.14 3.53
CA GLY A 28 4.16 4.79 4.72
C GLY A 28 3.27 6.03 4.49
N ARG A 29 3.37 6.72 3.33
CA ARG A 29 2.79 8.05 3.05
C ARG A 29 1.25 8.16 3.16
N MET A 30 0.54 7.05 2.91
CA MET A 30 -0.94 6.96 2.97
C MET A 30 -1.46 6.10 4.15
N PHE A 31 -0.57 5.67 5.06
CA PHE A 31 -0.84 4.67 6.12
C PHE A 31 -0.21 5.08 7.48
#